data_2RIG
# 
_entry.id   2RIG 
# 
_audit_conform.dict_name       mmcif_pdbx.dic 
_audit_conform.dict_version    5.387 
_audit_conform.dict_location   http://mmcif.pdb.org/dictionaries/ascii/mmcif_pdbx.dic 
# 
loop_
_database_2.database_id 
_database_2.database_code 
_database_2.pdbx_database_accession 
_database_2.pdbx_DOI 
PDB   2RIG         pdb_00002rig 10.2210/pdb2rig/pdb 
WWPDB D_1000178562 ?            ?                   
# 
loop_
_pdbx_audit_revision_history.ordinal 
_pdbx_audit_revision_history.data_content_type 
_pdbx_audit_revision_history.major_revision 
_pdbx_audit_revision_history.minor_revision 
_pdbx_audit_revision_history.revision_date 
1 'Structure model' 1 0 1993-01-15 
2 'Structure model' 1 1 2008-03-25 
3 'Structure model' 1 2 2011-07-13 
4 'Structure model' 1 3 2024-02-21 
# 
_pdbx_audit_revision_details.ordinal             1 
_pdbx_audit_revision_details.revision_ordinal    1 
_pdbx_audit_revision_details.data_content_type   'Structure model' 
_pdbx_audit_revision_details.provider            repository 
_pdbx_audit_revision_details.type                'Initial release' 
_pdbx_audit_revision_details.description         ? 
_pdbx_audit_revision_details.details             ? 
# 
loop_
_pdbx_audit_revision_group.ordinal 
_pdbx_audit_revision_group.revision_ordinal 
_pdbx_audit_revision_group.data_content_type 
_pdbx_audit_revision_group.group 
1 2 'Structure model' 'Version format compliance' 
2 3 'Structure model' 'Version format compliance' 
3 4 'Structure model' 'Data collection'           
4 4 'Structure model' 'Database references'       
5 4 'Structure model' Other                       
# 
loop_
_pdbx_audit_revision_category.ordinal 
_pdbx_audit_revision_category.revision_ordinal 
_pdbx_audit_revision_category.data_content_type 
_pdbx_audit_revision_category.category 
1 4 'Structure model' chem_comp_atom       
2 4 'Structure model' chem_comp_bond       
3 4 'Structure model' database_2           
4 4 'Structure model' pdbx_database_status 
# 
loop_
_pdbx_audit_revision_item.ordinal 
_pdbx_audit_revision_item.revision_ordinal 
_pdbx_audit_revision_item.data_content_type 
_pdbx_audit_revision_item.item 
1 4 'Structure model' '_database_2.pdbx_DOI'                
2 4 'Structure model' '_database_2.pdbx_database_accession' 
3 4 'Structure model' '_pdbx_database_status.process_site'  
# 
_pdbx_database_PDB_obs_spr.id               SPRSDE 
_pdbx_database_PDB_obs_spr.date             1993-01-15 
_pdbx_database_PDB_obs_spr.pdb_id           2RIG 
_pdbx_database_PDB_obs_spr.replace_pdb_id   1RIG 
_pdbx_database_PDB_obs_spr.details          ? 
# 
_pdbx_database_status.status_code                     REL 
_pdbx_database_status.entry_id                        2RIG 
_pdbx_database_status.recvd_initial_deposition_date   1993-01-11 
_pdbx_database_status.deposit_site                    ? 
_pdbx_database_status.process_site                    BNL 
_pdbx_database_status.SG_entry                        . 
_pdbx_database_status.pdb_format_compatible           Y 
_pdbx_database_status.status_code_mr                  ? 
_pdbx_database_status.status_code_sf                  ? 
_pdbx_database_status.status_code_cs                  ? 
_pdbx_database_status.status_code_nmr_data            ? 
_pdbx_database_status.methods_development_category    ? 
# 
loop_
_audit_author.name 
_audit_author.pdbx_ordinal 
'Samudzi, C.T.' 1 
'Burton, L.E.'  2 
'Rubin, J.R.'   3 
# 
loop_
_citation.id 
_citation.title 
_citation.journal_abbrev 
_citation.journal_volume 
_citation.page_first 
_citation.page_last 
_citation.year 
_citation.journal_id_ASTM 
_citation.country 
_citation.journal_id_ISSN 
_citation.journal_id_CSD 
_citation.book_publisher 
_citation.pdbx_database_id_PubMed 
_citation.pdbx_database_id_DOI 
primary 'Crystal structure of recombinant rabbit interferon-gamma at 2.7-A resolution.'                    J.Biol.Chem. 266 21791 
21797 1991 JBCHA3 US 0021-9258 0071 ? 1939201 ? 
1       'Crystallization and Preliminary X-Ray Diffraction Studies of Recombinant Rabbit Interferon-Gamma' 
Biochem.Biophys.Res.Commun. 178 634   ?     1991 BBRCA9 US 0006-291X 0146 ? ?       ? 
# 
loop_
_citation_author.citation_id 
_citation_author.name 
_citation_author.ordinal 
_citation_author.identifier_ORCID 
primary 'Samudzi, C.T.'  1 ? 
primary 'Burton, L.E.'   2 ? 
primary 'Rubin, J.R.'    3 ? 
1       'Samudzi, C.T.'  4 ? 
1       'Gribskov, C.L.' 5 ? 
1       'Burton, L.E.'   6 ? 
1       'Rubin, J.R.'    7 ? 
# 
_entity.id                         1 
_entity.type                       polymer 
_entity.src_method                 man 
_entity.pdbx_description           INTERFERON-GAMMA 
_entity.formula_weight             16950.389 
_entity.pdbx_number_of_molecules   1 
_entity.pdbx_ec                    ? 
_entity.pdbx_mutation              ? 
_entity.pdbx_fragment              ? 
_entity.details                    ? 
# 
_entity_poly.entity_id                      1 
_entity_poly.type                           'polypeptide(L)' 
_entity_poly.nstd_linkage                   no 
_entity_poly.nstd_monomer                   no 
_entity_poly.pdbx_seq_one_letter_code       
;QDTLTRETEHLKAYLKANTSDVANGGPLFLNILRNWKEESDNKIIQSQIVSFYFKLFDNLKDHEVIKKSMESIKEDIFVK
FFNSNLTKMDDFQNLTRISVDDRLVQRKAVSELSNVLNFLSPKSNLKKRKRSQTLFRGRRASKY
;
_entity_poly.pdbx_seq_one_letter_code_can   
;QDTLTRETEHLKAYLKANTSDVANGGPLFLNILRNWKEESDNKIIQSQIVSFYFKLFDNLKDHEVIKKSMESIKEDIFVK
FFNSNLTKMDDFQNLTRISVDDRLVQRKAVSELSNVLNFLSPKSNLKKRKRSQTLFRGRRASKY
;
_entity_poly.pdbx_strand_id                 A 
_entity_poly.pdbx_target_identifier         ? 
# 
loop_
_entity_poly_seq.entity_id 
_entity_poly_seq.num 
_entity_poly_seq.mon_id 
_entity_poly_seq.hetero 
1 1   GLN n 
1 2   ASP n 
1 3   THR n 
1 4   LEU n 
1 5   THR n 
1 6   ARG n 
1 7   GLU n 
1 8   THR n 
1 9   GLU n 
1 10  HIS n 
1 11  LEU n 
1 12  LYS n 
1 13  ALA n 
1 14  TYR n 
1 15  LEU n 
1 16  LYS n 
1 17  ALA n 
1 18  ASN n 
1 19  THR n 
1 20  SER n 
1 21  ASP n 
1 22  VAL n 
1 23  ALA n 
1 24  ASN n 
1 25  GLY n 
1 26  GLY n 
1 27  PRO n 
1 28  LEU n 
1 29  PHE n 
1 30  LEU n 
1 31  ASN n 
1 32  ILE n 
1 33  LEU n 
1 34  ARG n 
1 35  ASN n 
1 36  TRP n 
1 37  LYS n 
1 38  GLU n 
1 39  GLU n 
1 40  SER n 
1 41  ASP n 
1 42  ASN n 
1 43  LYS n 
1 44  ILE n 
1 45  ILE n 
1 46  GLN n 
1 47  SER n 
1 48  GLN n 
1 49  ILE n 
1 50  VAL n 
1 51  SER n 
1 52  PHE n 
1 53  TYR n 
1 54  PHE n 
1 55  LYS n 
1 56  LEU n 
1 57  PHE n 
1 58  ASP n 
1 59  ASN n 
1 60  LEU n 
1 61  LYS n 
1 62  ASP n 
1 63  HIS n 
1 64  GLU n 
1 65  VAL n 
1 66  ILE n 
1 67  LYS n 
1 68  LYS n 
1 69  SER n 
1 70  MET n 
1 71  GLU n 
1 72  SER n 
1 73  ILE n 
1 74  LYS n 
1 75  GLU n 
1 76  ASP n 
1 77  ILE n 
1 78  PHE n 
1 79  VAL n 
1 80  LYS n 
1 81  PHE n 
1 82  PHE n 
1 83  ASN n 
1 84  SER n 
1 85  ASN n 
1 86  LEU n 
1 87  THR n 
1 88  LYS n 
1 89  MET n 
1 90  ASP n 
1 91  ASP n 
1 92  PHE n 
1 93  GLN n 
1 94  ASN n 
1 95  LEU n 
1 96  THR n 
1 97  ARG n 
1 98  ILE n 
1 99  SER n 
1 100 VAL n 
1 101 ASP n 
1 102 ASP n 
1 103 ARG n 
1 104 LEU n 
1 105 VAL n 
1 106 GLN n 
1 107 ARG n 
1 108 LYS n 
1 109 ALA n 
1 110 VAL n 
1 111 SER n 
1 112 GLU n 
1 113 LEU n 
1 114 SER n 
1 115 ASN n 
1 116 VAL n 
1 117 LEU n 
1 118 ASN n 
1 119 PHE n 
1 120 LEU n 
1 121 SER n 
1 122 PRO n 
1 123 LYS n 
1 124 SER n 
1 125 ASN n 
1 126 LEU n 
1 127 LYS n 
1 128 LYS n 
1 129 ARG n 
1 130 LYS n 
1 131 ARG n 
1 132 SER n 
1 133 GLN n 
1 134 THR n 
1 135 LEU n 
1 136 PHE n 
1 137 ARG n 
1 138 GLY n 
1 139 ARG n 
1 140 ARG n 
1 141 ALA n 
1 142 SER n 
1 143 LYS n 
1 144 TYR n 
# 
_entity_src_gen.entity_id                          1 
_entity_src_gen.pdbx_src_id                        1 
_entity_src_gen.pdbx_alt_source_flag               sample 
_entity_src_gen.pdbx_seq_type                      ? 
_entity_src_gen.pdbx_beg_seq_num                   ? 
_entity_src_gen.pdbx_end_seq_num                   ? 
_entity_src_gen.gene_src_common_name               rabbit 
_entity_src_gen.gene_src_genus                     Oryctolagus 
_entity_src_gen.pdbx_gene_src_gene                 ? 
_entity_src_gen.gene_src_species                   ? 
_entity_src_gen.gene_src_strain                    ? 
_entity_src_gen.gene_src_tissue                    ? 
_entity_src_gen.gene_src_tissue_fraction           ? 
_entity_src_gen.gene_src_details                   ? 
_entity_src_gen.pdbx_gene_src_fragment             ? 
_entity_src_gen.pdbx_gene_src_scientific_name      'Oryctolagus cuniculus' 
_entity_src_gen.pdbx_gene_src_ncbi_taxonomy_id     9986 
_entity_src_gen.pdbx_gene_src_variant              ? 
_entity_src_gen.pdbx_gene_src_cell_line            ? 
_entity_src_gen.pdbx_gene_src_atcc                 ? 
_entity_src_gen.pdbx_gene_src_organ                ? 
_entity_src_gen.pdbx_gene_src_organelle            ? 
_entity_src_gen.pdbx_gene_src_cell                 ? 
_entity_src_gen.pdbx_gene_src_cellular_location    ? 
_entity_src_gen.host_org_common_name               ? 
_entity_src_gen.pdbx_host_org_scientific_name      ? 
_entity_src_gen.pdbx_host_org_ncbi_taxonomy_id     ? 
_entity_src_gen.host_org_genus                     ? 
_entity_src_gen.pdbx_host_org_gene                 ? 
_entity_src_gen.pdbx_host_org_organ                ? 
_entity_src_gen.host_org_species                   ? 
_entity_src_gen.pdbx_host_org_tissue               ? 
_entity_src_gen.pdbx_host_org_tissue_fraction      ? 
_entity_src_gen.pdbx_host_org_strain               ? 
_entity_src_gen.pdbx_host_org_variant              ? 
_entity_src_gen.pdbx_host_org_cell_line            ? 
_entity_src_gen.pdbx_host_org_atcc                 ? 
_entity_src_gen.pdbx_host_org_culture_collection   ? 
_entity_src_gen.pdbx_host_org_cell                 ? 
_entity_src_gen.pdbx_host_org_organelle            ? 
_entity_src_gen.pdbx_host_org_cellular_location    ? 
_entity_src_gen.pdbx_host_org_vector_type          ? 
_entity_src_gen.pdbx_host_org_vector               ? 
_entity_src_gen.host_org_details                   ? 
_entity_src_gen.expression_system_id               ? 
_entity_src_gen.plasmid_name                       ? 
_entity_src_gen.plasmid_details                    ? 
_entity_src_gen.pdbx_description                   ? 
# 
loop_
_chem_comp.id 
_chem_comp.type 
_chem_comp.mon_nstd_flag 
_chem_comp.name 
_chem_comp.pdbx_synonyms 
_chem_comp.formula 
_chem_comp.formula_weight 
ALA 'L-peptide linking' y ALANINE         ? 'C3 H7 N O2'     89.093  
ARG 'L-peptide linking' y ARGININE        ? 'C6 H15 N4 O2 1' 175.209 
ASN 'L-peptide linking' y ASPARAGINE      ? 'C4 H8 N2 O3'    132.118 
ASP 'L-peptide linking' y 'ASPARTIC ACID' ? 'C4 H7 N O4'     133.103 
GLN 'L-peptide linking' y GLUTAMINE       ? 'C5 H10 N2 O3'   146.144 
GLU 'L-peptide linking' y 'GLUTAMIC ACID' ? 'C5 H9 N O4'     147.129 
GLY 'peptide linking'   y GLYCINE         ? 'C2 H5 N O2'     75.067  
HIS 'L-peptide linking' y HISTIDINE       ? 'C6 H10 N3 O2 1' 156.162 
ILE 'L-peptide linking' y ISOLEUCINE      ? 'C6 H13 N O2'    131.173 
LEU 'L-peptide linking' y LEUCINE         ? 'C6 H13 N O2'    131.173 
LYS 'L-peptide linking' y LYSINE          ? 'C6 H15 N2 O2 1' 147.195 
MET 'L-peptide linking' y METHIONINE      ? 'C5 H11 N O2 S'  149.211 
PHE 'L-peptide linking' y PHENYLALANINE   ? 'C9 H11 N O2'    165.189 
PRO 'L-peptide linking' y PROLINE         ? 'C5 H9 N O2'     115.130 
SER 'L-peptide linking' y SERINE          ? 'C3 H7 N O3'     105.093 
THR 'L-peptide linking' y THREONINE       ? 'C4 H9 N O3'     119.119 
TRP 'L-peptide linking' y TRYPTOPHAN      ? 'C11 H12 N2 O2'  204.225 
TYR 'L-peptide linking' y TYROSINE        ? 'C9 H11 N O3'    181.189 
VAL 'L-peptide linking' y VALINE          ? 'C5 H11 N O2'    117.146 
# 
loop_
_pdbx_poly_seq_scheme.asym_id 
_pdbx_poly_seq_scheme.entity_id 
_pdbx_poly_seq_scheme.seq_id 
_pdbx_poly_seq_scheme.mon_id 
_pdbx_poly_seq_scheme.ndb_seq_num 
_pdbx_poly_seq_scheme.pdb_seq_num 
_pdbx_poly_seq_scheme.auth_seq_num 
_pdbx_poly_seq_scheme.pdb_mon_id 
_pdbx_poly_seq_scheme.auth_mon_id 
_pdbx_poly_seq_scheme.pdb_strand_id 
_pdbx_poly_seq_scheme.pdb_ins_code 
_pdbx_poly_seq_scheme.hetero 
A 1 1   GLN 1   1   1   GLN GLN A . n 
A 1 2   ASP 2   2   2   ASP ASP A . n 
A 1 3   THR 3   3   3   THR THR A . n 
A 1 4   LEU 4   4   4   LEU LEU A . n 
A 1 5   THR 5   5   5   THR THR A . n 
A 1 6   ARG 6   6   6   ARG ARG A . n 
A 1 7   GLU 7   7   7   GLU GLU A . n 
A 1 8   THR 8   8   8   THR THR A . n 
A 1 9   GLU 9   9   9   GLU GLU A . n 
A 1 10  HIS 10  10  10  HIS HIS A . n 
A 1 11  LEU 11  11  11  LEU LEU A . n 
A 1 12  LYS 12  12  12  LYS LYS A . n 
A 1 13  ALA 13  13  13  ALA ALA A . n 
A 1 14  TYR 14  14  14  TYR TYR A . n 
A 1 15  LEU 15  15  15  LEU LEU A . n 
A 1 16  LYS 16  16  16  LYS LYS A . n 
A 1 17  ALA 17  17  17  ALA ALA A . n 
A 1 18  ASN 18  18  18  ASN ASN A . n 
A 1 19  THR 19  19  19  THR THR A . n 
A 1 20  SER 20  20  20  SER SER A . n 
A 1 21  ASP 21  21  21  ASP ASP A . n 
A 1 22  VAL 22  22  22  VAL VAL A . n 
A 1 23  ALA 23  23  23  ALA ALA A . n 
A 1 24  ASN 24  24  24  ASN ASN A . n 
A 1 25  GLY 25  25  25  GLY GLY A . n 
A 1 26  GLY 26  26  26  GLY GLY A . n 
A 1 27  PRO 27  27  27  PRO PRO A . n 
A 1 28  LEU 28  28  28  LEU LEU A . n 
A 1 29  PHE 29  29  29  PHE PHE A . n 
A 1 30  LEU 30  30  30  LEU LEU A . n 
A 1 31  ASN 31  31  31  ASN ASN A . n 
A 1 32  ILE 32  32  32  ILE ILE A . n 
A 1 33  LEU 33  33  33  LEU LEU A . n 
A 1 34  ARG 34  34  34  ARG ARG A . n 
A 1 35  ASN 35  35  35  ASN ASN A . n 
A 1 36  TRP 36  36  36  TRP TRP A . n 
A 1 37  LYS 37  37  37  LYS LYS A . n 
A 1 38  GLU 38  38  38  GLU GLU A . n 
A 1 39  GLU 39  39  39  GLU GLU A . n 
A 1 40  SER 40  40  40  SER SER A . n 
A 1 41  ASP 41  41  41  ASP ASP A . n 
A 1 42  ASN 42  42  42  ASN ASN A . n 
A 1 43  LYS 43  43  43  LYS LYS A . n 
A 1 44  ILE 44  44  44  ILE ILE A . n 
A 1 45  ILE 45  45  45  ILE ILE A . n 
A 1 46  GLN 46  46  46  GLN GLN A . n 
A 1 47  SER 47  47  47  SER SER A . n 
A 1 48  GLN 48  48  48  GLN GLN A . n 
A 1 49  ILE 49  49  49  ILE ILE A . n 
A 1 50  VAL 50  50  50  VAL VAL A . n 
A 1 51  SER 51  51  51  SER SER A . n 
A 1 52  PHE 52  52  52  PHE PHE A . n 
A 1 53  TYR 53  53  53  TYR TYR A . n 
A 1 54  PHE 54  54  54  PHE PHE A . n 
A 1 55  LYS 55  55  55  LYS LYS A . n 
A 1 56  LEU 56  56  56  LEU LEU A . n 
A 1 57  PHE 57  57  57  PHE PHE A . n 
A 1 58  ASP 58  58  58  ASP ASP A . n 
A 1 59  ASN 59  59  59  ASN ASN A . n 
A 1 60  LEU 60  60  60  LEU LEU A . n 
A 1 61  LYS 61  61  61  LYS LYS A . n 
A 1 62  ASP 62  62  62  ASP ASP A . n 
A 1 63  HIS 63  63  63  HIS HIS A . n 
A 1 64  GLU 64  64  64  GLU GLU A . n 
A 1 65  VAL 65  65  65  VAL VAL A . n 
A 1 66  ILE 66  66  66  ILE ILE A . n 
A 1 67  LYS 67  67  67  LYS LYS A . n 
A 1 68  LYS 68  68  68  LYS LYS A . n 
A 1 69  SER 69  69  69  SER SER A . n 
A 1 70  MET 70  70  70  MET MET A . n 
A 1 71  GLU 71  71  71  GLU GLU A . n 
A 1 72  SER 72  72  72  SER SER A . n 
A 1 73  ILE 73  73  73  ILE ILE A . n 
A 1 74  LYS 74  74  74  LYS LYS A . n 
A 1 75  GLU 75  75  75  GLU GLU A . n 
A 1 76  ASP 76  76  76  ASP ASP A . n 
A 1 77  ILE 77  77  77  ILE ILE A . n 
A 1 78  PHE 78  78  78  PHE PHE A . n 
A 1 79  VAL 79  79  79  VAL VAL A . n 
A 1 80  LYS 80  80  80  LYS LYS A . n 
A 1 81  PHE 81  81  81  PHE PHE A . n 
A 1 82  PHE 82  82  82  PHE PHE A . n 
A 1 83  ASN 83  83  83  ASN ASN A . n 
A 1 84  SER 84  84  84  SER SER A . n 
A 1 85  ASN 85  85  85  ASN ASN A . n 
A 1 86  LEU 86  86  86  LEU LEU A . n 
A 1 87  THR 87  87  87  THR THR A . n 
A 1 88  LYS 88  88  88  LYS LYS A . n 
A 1 89  MET 89  89  89  MET MET A . n 
A 1 90  ASP 90  90  90  ASP ASP A . n 
A 1 91  ASP 91  91  91  ASP ASP A . n 
A 1 92  PHE 92  92  92  PHE PHE A . n 
A 1 93  GLN 93  93  93  GLN GLN A . n 
A 1 94  ASN 94  94  94  ASN ASN A . n 
A 1 95  LEU 95  95  95  LEU LEU A . n 
A 1 96  THR 96  96  96  THR THR A . n 
A 1 97  ARG 97  97  97  ARG ARG A . n 
A 1 98  ILE 98  98  98  ILE ILE A . n 
A 1 99  SER 99  99  99  SER SER A . n 
A 1 100 VAL 100 100 100 VAL VAL A . n 
A 1 101 ASP 101 101 101 ASP ASP A . n 
A 1 102 ASP 102 102 102 ASP ASP A . n 
A 1 103 ARG 103 103 103 ARG ARG A . n 
A 1 104 LEU 104 104 104 LEU LEU A . n 
A 1 105 VAL 105 105 105 VAL VAL A . n 
A 1 106 GLN 106 106 106 GLN GLN A . n 
A 1 107 ARG 107 107 107 ARG ARG A . n 
A 1 108 LYS 108 108 108 LYS LYS A . n 
A 1 109 ALA 109 109 109 ALA ALA A . n 
A 1 110 VAL 110 110 110 VAL VAL A . n 
A 1 111 SER 111 111 111 SER SER A . n 
A 1 112 GLU 112 112 112 GLU GLU A . n 
A 1 113 LEU 113 113 113 LEU LEU A . n 
A 1 114 SER 114 114 114 SER SER A . n 
A 1 115 ASN 115 115 115 ASN ASN A . n 
A 1 116 VAL 116 116 116 VAL VAL A . n 
A 1 117 LEU 117 117 117 LEU LEU A . n 
A 1 118 ASN 118 118 118 ASN ASN A . n 
A 1 119 PHE 119 119 119 PHE PHE A . n 
A 1 120 LEU 120 120 ?   ?   ?   A . n 
A 1 121 SER 121 121 ?   ?   ?   A . n 
A 1 122 PRO 122 122 ?   ?   ?   A . n 
A 1 123 LYS 123 123 ?   ?   ?   A . n 
A 1 124 SER 124 124 ?   ?   ?   A . n 
A 1 125 ASN 125 125 ?   ?   ?   A . n 
A 1 126 LEU 126 126 ?   ?   ?   A . n 
A 1 127 LYS 127 127 ?   ?   ?   A . n 
A 1 128 LYS 128 128 ?   ?   ?   A . n 
A 1 129 ARG 129 129 ?   ?   ?   A . n 
A 1 130 LYS 130 130 ?   ?   ?   A . n 
A 1 131 ARG 131 131 ?   ?   ?   A . n 
A 1 132 SER 132 132 ?   ?   ?   A . n 
A 1 133 GLN 133 133 ?   ?   ?   A . n 
A 1 134 THR 134 134 ?   ?   ?   A . n 
A 1 135 LEU 135 135 ?   ?   ?   A . n 
A 1 136 PHE 136 136 ?   ?   ?   A . n 
A 1 137 ARG 137 137 ?   ?   ?   A . n 
A 1 138 GLY 138 138 ?   ?   ?   A . n 
A 1 139 ARG 139 139 ?   ?   ?   A . n 
A 1 140 ARG 140 140 ?   ?   ?   A . n 
A 1 141 ALA 141 141 ?   ?   ?   A . n 
A 1 142 SER 142 142 ?   ?   ?   A . n 
A 1 143 LYS 143 143 ?   ?   ?   A . n 
A 1 144 TYR 144 144 ?   ?   ?   A . n 
# 
_software.name             PROLSQ 
_software.classification   refinement 
_software.version          . 
_software.citation_id      ? 
_software.pdbx_ordinal     1 
# 
_cell.entry_id           2RIG 
_cell.length_a           57.713 
_cell.length_b           57.713 
_cell.length_c           177.000 
_cell.angle_alpha        90.00 
_cell.angle_beta         90.00 
_cell.angle_gamma        120.00 
_cell.Z_PDB              12 
_cell.pdbx_unique_axis   ? 
# 
_symmetry.entry_id                         2RIG 
_symmetry.space_group_name_H-M             'P 61 2 2' 
_symmetry.pdbx_full_space_group_name_H-M   ? 
_symmetry.cell_setting                     ? 
_symmetry.Int_Tables_number                178 
# 
_exptl.entry_id          2RIG 
_exptl.method            'X-RAY DIFFRACTION' 
_exptl.crystals_number   ? 
# 
_exptl_crystal.id                    1 
_exptl_crystal.density_meas          ? 
_exptl_crystal.density_Matthews      2.51 
_exptl_crystal.density_percent_sol   50.99 
_exptl_crystal.description           ? 
# 
_diffrn.id                     1 
_diffrn.crystal_id             1 
_diffrn.ambient_temp           ? 
_diffrn.ambient_temp_details   ? 
# 
_refine.entry_id                                 2RIG 
_refine.ls_number_reflns_obs                     ? 
_refine.ls_number_reflns_all                     ? 
_refine.pdbx_ls_sigma_I                          ? 
_refine.pdbx_ls_sigma_F                          ? 
_refine.pdbx_data_cutoff_high_absF               ? 
_refine.pdbx_data_cutoff_low_absF                ? 
_refine.pdbx_data_cutoff_high_rms_absF           ? 
_refine.ls_d_res_low                             ? 
_refine.ls_d_res_high                            2.3 
_refine.ls_percent_reflns_obs                    ? 
_refine.ls_R_factor_obs                          0.2120000 
_refine.ls_R_factor_all                          ? 
_refine.ls_R_factor_R_work                       ? 
_refine.ls_R_factor_R_free                       ? 
_refine.ls_R_factor_R_free_error                 ? 
_refine.ls_R_factor_R_free_error_details         ? 
_refine.ls_percent_reflns_R_free                 ? 
_refine.ls_number_reflns_R_free                  ? 
_refine.ls_number_parameters                     ? 
_refine.ls_number_restraints                     ? 
_refine.occupancy_min                            ? 
_refine.occupancy_max                            ? 
_refine.B_iso_mean                               ? 
_refine.aniso_B[1][1]                            ? 
_refine.aniso_B[2][2]                            ? 
_refine.aniso_B[3][3]                            ? 
_refine.aniso_B[1][2]                            ? 
_refine.aniso_B[1][3]                            ? 
_refine.aniso_B[2][3]                            ? 
_refine.solvent_model_details                    ? 
_refine.solvent_model_param_ksol                 ? 
_refine.solvent_model_param_bsol                 ? 
_refine.pdbx_ls_cross_valid_method               ? 
_refine.details                                  ? 
_refine.pdbx_starting_model                      ? 
_refine.pdbx_method_to_determine_struct          ? 
_refine.pdbx_isotropic_thermal_model             ? 
_refine.pdbx_stereochemistry_target_values       ? 
_refine.pdbx_stereochem_target_val_spec_case     ? 
_refine.pdbx_R_Free_selection_details            ? 
_refine.pdbx_overall_ESU_R                       ? 
_refine.pdbx_overall_ESU_R_Free                  ? 
_refine.overall_SU_ML                            ? 
_refine.overall_SU_B                             ? 
_refine.pdbx_refine_id                           'X-RAY DIFFRACTION' 
_refine.pdbx_diffrn_id                           1 
_refine.pdbx_TLS_residual_ADP_flag               ? 
_refine.correlation_coeff_Fo_to_Fc               ? 
_refine.correlation_coeff_Fo_to_Fc_free          ? 
_refine.pdbx_solvent_vdw_probe_radii             ? 
_refine.pdbx_solvent_ion_probe_radii             ? 
_refine.pdbx_solvent_shrinkage_radii             ? 
_refine.pdbx_overall_phase_error                 ? 
_refine.overall_SU_R_Cruickshank_DPI             ? 
_refine.pdbx_overall_SU_R_free_Cruickshank_DPI   ? 
_refine.pdbx_overall_SU_R_Blow_DPI               ? 
_refine.pdbx_overall_SU_R_free_Blow_DPI          ? 
# 
_refine_hist.pdbx_refine_id                   'X-RAY DIFFRACTION' 
_refine_hist.cycle_id                         LAST 
_refine_hist.pdbx_number_atoms_protein        119 
_refine_hist.pdbx_number_atoms_nucleic_acid   0 
_refine_hist.pdbx_number_atoms_ligand         0 
_refine_hist.number_atoms_solvent             0 
_refine_hist.number_atoms_total               119 
_refine_hist.d_res_high                       2.3 
_refine_hist.d_res_low                        . 
# 
loop_
_refine_ls_restr.type 
_refine_ls_restr.dev_ideal 
_refine_ls_restr.dev_ideal_target 
_refine_ls_restr.weight 
_refine_ls_restr.number 
_refine_ls_restr.pdbx_refine_id 
_refine_ls_restr.pdbx_restraint_function 
p_bond_d            0.019 0.020 ? ? 'X-RAY DIFFRACTION' ? 
p_angle_d           0.048 0.040 ? ? 'X-RAY DIFFRACTION' ? 
p_angle_deg         ?     ?     ? ? 'X-RAY DIFFRACTION' ? 
p_planar_d          ?     ?     ? ? 'X-RAY DIFFRACTION' ? 
p_hb_or_metal_coord ?     ?     ? ? 'X-RAY DIFFRACTION' ? 
p_mcbond_it         ?     ?     ? ? 'X-RAY DIFFRACTION' ? 
p_mcangle_it        ?     ?     ? ? 'X-RAY DIFFRACTION' ? 
p_scbond_it         ?     ?     ? ? 'X-RAY DIFFRACTION' ? 
p_scangle_it        ?     ?     ? ? 'X-RAY DIFFRACTION' ? 
p_plane_restr       ?     ?     ? ? 'X-RAY DIFFRACTION' ? 
p_chiral_restr      ?     ?     ? ? 'X-RAY DIFFRACTION' ? 
p_singtor_nbd       ?     ?     ? ? 'X-RAY DIFFRACTION' ? 
p_multtor_nbd       ?     ?     ? ? 'X-RAY DIFFRACTION' ? 
p_xhyhbond_nbd      ?     ?     ? ? 'X-RAY DIFFRACTION' ? 
p_xyhbond_nbd       ?     ?     ? ? 'X-RAY DIFFRACTION' ? 
p_planar_tor        ?     ?     ? ? 'X-RAY DIFFRACTION' ? 
p_staggered_tor     ?     ?     ? ? 'X-RAY DIFFRACTION' ? 
p_orthonormal_tor   ?     ?     ? ? 'X-RAY DIFFRACTION' ? 
p_transverse_tor    ?     ?     ? ? 'X-RAY DIFFRACTION' ? 
p_special_tor       ?     ?     ? ? 'X-RAY DIFFRACTION' ? 
# 
_struct.entry_id                  2RIG 
_struct.title                     'CRYSTAL STRUCTURE OF RECOMBINANT RABBIT INTERFERON-GAMMA AT 2.7-ANGSTROMS RESOLUTION' 
_struct.pdbx_model_details        ? 
_struct.pdbx_CASP_flag            ? 
_struct.pdbx_model_type_details   ? 
# 
_struct_keywords.entry_id        2RIG 
_struct_keywords.pdbx_keywords   CYTOKINE 
_struct_keywords.text            CYTOKINE 
# 
_struct_asym.id                            A 
_struct_asym.pdbx_blank_PDB_chainid_flag   N 
_struct_asym.pdbx_modified                 N 
_struct_asym.entity_id                     1 
_struct_asym.details                       ? 
# 
_struct_ref.id                         1 
_struct_ref.db_name                    UNP 
_struct_ref.db_code                    IFNG_RABIT 
_struct_ref.entity_id                  1 
_struct_ref.pdbx_db_accession          P30123 
_struct_ref.pdbx_align_begin           1 
_struct_ref.pdbx_seq_one_letter_code   
;MSYTSYILAFQLCLILGSYGCYCQDTLTRETEHLKAYLKANTSDVANGGPLFLNILRNWKEESDNKIIQSQIVSFYFKLF
DNLKDHEVIKKSMESIKEDIFVKFFNSNLTKMDDFQNLTRISVDDRLVQRKAVSELSNVLNFLSPKSNLKKRKRSQTLFR
GRRASKY
;
_struct_ref.pdbx_db_isoform            ? 
# 
_struct_ref_seq.align_id                      1 
_struct_ref_seq.ref_id                        1 
_struct_ref_seq.pdbx_PDB_id_code              2RIG 
_struct_ref_seq.pdbx_strand_id                A 
_struct_ref_seq.seq_align_beg                 1 
_struct_ref_seq.pdbx_seq_align_beg_ins_code   ? 
_struct_ref_seq.seq_align_end                 144 
_struct_ref_seq.pdbx_seq_align_end_ins_code   ? 
_struct_ref_seq.pdbx_db_accession             P30123 
_struct_ref_seq.db_align_beg                  24 
_struct_ref_seq.pdbx_db_align_beg_ins_code    ? 
_struct_ref_seq.db_align_end                  167 
_struct_ref_seq.pdbx_db_align_end_ins_code    ? 
_struct_ref_seq.pdbx_auth_seq_align_beg       1 
_struct_ref_seq.pdbx_auth_seq_align_end       144 
# 
_pdbx_struct_assembly.id                   1 
_pdbx_struct_assembly.details              author_defined_assembly 
_pdbx_struct_assembly.method_details       ? 
_pdbx_struct_assembly.oligomeric_details   monomeric 
_pdbx_struct_assembly.oligomeric_count     1 
# 
_pdbx_struct_assembly_gen.assembly_id       1 
_pdbx_struct_assembly_gen.oper_expression   1 
_pdbx_struct_assembly_gen.asym_id_list      A 
# 
_pdbx_struct_oper_list.id                   1 
_pdbx_struct_oper_list.type                 'identity operation' 
_pdbx_struct_oper_list.name                 1_555 
_pdbx_struct_oper_list.symmetry_operation   x,y,z 
_pdbx_struct_oper_list.matrix[1][1]         1.0000000000 
_pdbx_struct_oper_list.matrix[1][2]         0.0000000000 
_pdbx_struct_oper_list.matrix[1][3]         0.0000000000 
_pdbx_struct_oper_list.vector[1]            0.0000000000 
_pdbx_struct_oper_list.matrix[2][1]         0.0000000000 
_pdbx_struct_oper_list.matrix[2][2]         1.0000000000 
_pdbx_struct_oper_list.matrix[2][3]         0.0000000000 
_pdbx_struct_oper_list.vector[2]            0.0000000000 
_pdbx_struct_oper_list.matrix[3][1]         0.0000000000 
_pdbx_struct_oper_list.matrix[3][2]         0.0000000000 
_pdbx_struct_oper_list.matrix[3][3]         1.0000000000 
_pdbx_struct_oper_list.vector[3]            0.0000000000 
# 
_struct_biol.id   1 
# 
loop_
_pdbx_unobs_or_zero_occ_residues.id 
_pdbx_unobs_or_zero_occ_residues.PDB_model_num 
_pdbx_unobs_or_zero_occ_residues.polymer_flag 
_pdbx_unobs_or_zero_occ_residues.occupancy_flag 
_pdbx_unobs_or_zero_occ_residues.auth_asym_id 
_pdbx_unobs_or_zero_occ_residues.auth_comp_id 
_pdbx_unobs_or_zero_occ_residues.auth_seq_id 
_pdbx_unobs_or_zero_occ_residues.PDB_ins_code 
_pdbx_unobs_or_zero_occ_residues.label_asym_id 
_pdbx_unobs_or_zero_occ_residues.label_comp_id 
_pdbx_unobs_or_zero_occ_residues.label_seq_id 
1  1 Y 1 A LEU 120 ? A LEU 120 
2  1 Y 1 A SER 121 ? A SER 121 
3  1 Y 1 A PRO 122 ? A PRO 122 
4  1 Y 1 A LYS 123 ? A LYS 123 
5  1 Y 1 A SER 124 ? A SER 124 
6  1 Y 1 A ASN 125 ? A ASN 125 
7  1 Y 1 A LEU 126 ? A LEU 126 
8  1 Y 1 A LYS 127 ? A LYS 127 
9  1 Y 1 A LYS 128 ? A LYS 128 
10 1 Y 1 A ARG 129 ? A ARG 129 
11 1 Y 1 A LYS 130 ? A LYS 130 
12 1 Y 1 A ARG 131 ? A ARG 131 
13 1 Y 1 A SER 132 ? A SER 132 
14 1 Y 1 A GLN 133 ? A GLN 133 
15 1 Y 1 A THR 134 ? A THR 134 
16 1 Y 1 A LEU 135 ? A LEU 135 
17 1 Y 1 A PHE 136 ? A PHE 136 
18 1 Y 1 A ARG 137 ? A ARG 137 
19 1 Y 1 A GLY 138 ? A GLY 138 
20 1 Y 1 A ARG 139 ? A ARG 139 
21 1 Y 1 A ARG 140 ? A ARG 140 
22 1 Y 1 A ALA 141 ? A ALA 141 
23 1 Y 1 A SER 142 ? A SER 142 
24 1 Y 1 A LYS 143 ? A LYS 143 
25 1 Y 1 A TYR 144 ? A TYR 144 
# 
loop_
_chem_comp_atom.comp_id 
_chem_comp_atom.atom_id 
_chem_comp_atom.type_symbol 
_chem_comp_atom.pdbx_aromatic_flag 
_chem_comp_atom.pdbx_stereo_config 
_chem_comp_atom.pdbx_ordinal 
ALA N    N N N 1   
ALA CA   C N S 2   
ALA C    C N N 3   
ALA O    O N N 4   
ALA CB   C N N 5   
ALA OXT  O N N 6   
ALA H    H N N 7   
ALA H2   H N N 8   
ALA HA   H N N 9   
ALA HB1  H N N 10  
ALA HB2  H N N 11  
ALA HB3  H N N 12  
ALA HXT  H N N 13  
ARG N    N N N 14  
ARG CA   C N S 15  
ARG C    C N N 16  
ARG O    O N N 17  
ARG CB   C N N 18  
ARG CG   C N N 19  
ARG CD   C N N 20  
ARG NE   N N N 21  
ARG CZ   C N N 22  
ARG NH1  N N N 23  
ARG NH2  N N N 24  
ARG OXT  O N N 25  
ARG H    H N N 26  
ARG H2   H N N 27  
ARG HA   H N N 28  
ARG HB2  H N N 29  
ARG HB3  H N N 30  
ARG HG2  H N N 31  
ARG HG3  H N N 32  
ARG HD2  H N N 33  
ARG HD3  H N N 34  
ARG HE   H N N 35  
ARG HH11 H N N 36  
ARG HH12 H N N 37  
ARG HH21 H N N 38  
ARG HH22 H N N 39  
ARG HXT  H N N 40  
ASN N    N N N 41  
ASN CA   C N S 42  
ASN C    C N N 43  
ASN O    O N N 44  
ASN CB   C N N 45  
ASN CG   C N N 46  
ASN OD1  O N N 47  
ASN ND2  N N N 48  
ASN OXT  O N N 49  
ASN H    H N N 50  
ASN H2   H N N 51  
ASN HA   H N N 52  
ASN HB2  H N N 53  
ASN HB3  H N N 54  
ASN HD21 H N N 55  
ASN HD22 H N N 56  
ASN HXT  H N N 57  
ASP N    N N N 58  
ASP CA   C N S 59  
ASP C    C N N 60  
ASP O    O N N 61  
ASP CB   C N N 62  
ASP CG   C N N 63  
ASP OD1  O N N 64  
ASP OD2  O N N 65  
ASP OXT  O N N 66  
ASP H    H N N 67  
ASP H2   H N N 68  
ASP HA   H N N 69  
ASP HB2  H N N 70  
ASP HB3  H N N 71  
ASP HD2  H N N 72  
ASP HXT  H N N 73  
GLN N    N N N 74  
GLN CA   C N S 75  
GLN C    C N N 76  
GLN O    O N N 77  
GLN CB   C N N 78  
GLN CG   C N N 79  
GLN CD   C N N 80  
GLN OE1  O N N 81  
GLN NE2  N N N 82  
GLN OXT  O N N 83  
GLN H    H N N 84  
GLN H2   H N N 85  
GLN HA   H N N 86  
GLN HB2  H N N 87  
GLN HB3  H N N 88  
GLN HG2  H N N 89  
GLN HG3  H N N 90  
GLN HE21 H N N 91  
GLN HE22 H N N 92  
GLN HXT  H N N 93  
GLU N    N N N 94  
GLU CA   C N S 95  
GLU C    C N N 96  
GLU O    O N N 97  
GLU CB   C N N 98  
GLU CG   C N N 99  
GLU CD   C N N 100 
GLU OE1  O N N 101 
GLU OE2  O N N 102 
GLU OXT  O N N 103 
GLU H    H N N 104 
GLU H2   H N N 105 
GLU HA   H N N 106 
GLU HB2  H N N 107 
GLU HB3  H N N 108 
GLU HG2  H N N 109 
GLU HG3  H N N 110 
GLU HE2  H N N 111 
GLU HXT  H N N 112 
GLY N    N N N 113 
GLY CA   C N N 114 
GLY C    C N N 115 
GLY O    O N N 116 
GLY OXT  O N N 117 
GLY H    H N N 118 
GLY H2   H N N 119 
GLY HA2  H N N 120 
GLY HA3  H N N 121 
GLY HXT  H N N 122 
HIS N    N N N 123 
HIS CA   C N S 124 
HIS C    C N N 125 
HIS O    O N N 126 
HIS CB   C N N 127 
HIS CG   C Y N 128 
HIS ND1  N Y N 129 
HIS CD2  C Y N 130 
HIS CE1  C Y N 131 
HIS NE2  N Y N 132 
HIS OXT  O N N 133 
HIS H    H N N 134 
HIS H2   H N N 135 
HIS HA   H N N 136 
HIS HB2  H N N 137 
HIS HB3  H N N 138 
HIS HD1  H N N 139 
HIS HD2  H N N 140 
HIS HE1  H N N 141 
HIS HE2  H N N 142 
HIS HXT  H N N 143 
ILE N    N N N 144 
ILE CA   C N S 145 
ILE C    C N N 146 
ILE O    O N N 147 
ILE CB   C N S 148 
ILE CG1  C N N 149 
ILE CG2  C N N 150 
ILE CD1  C N N 151 
ILE OXT  O N N 152 
ILE H    H N N 153 
ILE H2   H N N 154 
ILE HA   H N N 155 
ILE HB   H N N 156 
ILE HG12 H N N 157 
ILE HG13 H N N 158 
ILE HG21 H N N 159 
ILE HG22 H N N 160 
ILE HG23 H N N 161 
ILE HD11 H N N 162 
ILE HD12 H N N 163 
ILE HD13 H N N 164 
ILE HXT  H N N 165 
LEU N    N N N 166 
LEU CA   C N S 167 
LEU C    C N N 168 
LEU O    O N N 169 
LEU CB   C N N 170 
LEU CG   C N N 171 
LEU CD1  C N N 172 
LEU CD2  C N N 173 
LEU OXT  O N N 174 
LEU H    H N N 175 
LEU H2   H N N 176 
LEU HA   H N N 177 
LEU HB2  H N N 178 
LEU HB3  H N N 179 
LEU HG   H N N 180 
LEU HD11 H N N 181 
LEU HD12 H N N 182 
LEU HD13 H N N 183 
LEU HD21 H N N 184 
LEU HD22 H N N 185 
LEU HD23 H N N 186 
LEU HXT  H N N 187 
LYS N    N N N 188 
LYS CA   C N S 189 
LYS C    C N N 190 
LYS O    O N N 191 
LYS CB   C N N 192 
LYS CG   C N N 193 
LYS CD   C N N 194 
LYS CE   C N N 195 
LYS NZ   N N N 196 
LYS OXT  O N N 197 
LYS H    H N N 198 
LYS H2   H N N 199 
LYS HA   H N N 200 
LYS HB2  H N N 201 
LYS HB3  H N N 202 
LYS HG2  H N N 203 
LYS HG3  H N N 204 
LYS HD2  H N N 205 
LYS HD3  H N N 206 
LYS HE2  H N N 207 
LYS HE3  H N N 208 
LYS HZ1  H N N 209 
LYS HZ2  H N N 210 
LYS HZ3  H N N 211 
LYS HXT  H N N 212 
MET N    N N N 213 
MET CA   C N S 214 
MET C    C N N 215 
MET O    O N N 216 
MET CB   C N N 217 
MET CG   C N N 218 
MET SD   S N N 219 
MET CE   C N N 220 
MET OXT  O N N 221 
MET H    H N N 222 
MET H2   H N N 223 
MET HA   H N N 224 
MET HB2  H N N 225 
MET HB3  H N N 226 
MET HG2  H N N 227 
MET HG3  H N N 228 
MET HE1  H N N 229 
MET HE2  H N N 230 
MET HE3  H N N 231 
MET HXT  H N N 232 
PHE N    N N N 233 
PHE CA   C N S 234 
PHE C    C N N 235 
PHE O    O N N 236 
PHE CB   C N N 237 
PHE CG   C Y N 238 
PHE CD1  C Y N 239 
PHE CD2  C Y N 240 
PHE CE1  C Y N 241 
PHE CE2  C Y N 242 
PHE CZ   C Y N 243 
PHE OXT  O N N 244 
PHE H    H N N 245 
PHE H2   H N N 246 
PHE HA   H N N 247 
PHE HB2  H N N 248 
PHE HB3  H N N 249 
PHE HD1  H N N 250 
PHE HD2  H N N 251 
PHE HE1  H N N 252 
PHE HE2  H N N 253 
PHE HZ   H N N 254 
PHE HXT  H N N 255 
PRO N    N N N 256 
PRO CA   C N S 257 
PRO C    C N N 258 
PRO O    O N N 259 
PRO CB   C N N 260 
PRO CG   C N N 261 
PRO CD   C N N 262 
PRO OXT  O N N 263 
PRO H    H N N 264 
PRO HA   H N N 265 
PRO HB2  H N N 266 
PRO HB3  H N N 267 
PRO HG2  H N N 268 
PRO HG3  H N N 269 
PRO HD2  H N N 270 
PRO HD3  H N N 271 
PRO HXT  H N N 272 
SER N    N N N 273 
SER CA   C N S 274 
SER C    C N N 275 
SER O    O N N 276 
SER CB   C N N 277 
SER OG   O N N 278 
SER OXT  O N N 279 
SER H    H N N 280 
SER H2   H N N 281 
SER HA   H N N 282 
SER HB2  H N N 283 
SER HB3  H N N 284 
SER HG   H N N 285 
SER HXT  H N N 286 
THR N    N N N 287 
THR CA   C N S 288 
THR C    C N N 289 
THR O    O N N 290 
THR CB   C N R 291 
THR OG1  O N N 292 
THR CG2  C N N 293 
THR OXT  O N N 294 
THR H    H N N 295 
THR H2   H N N 296 
THR HA   H N N 297 
THR HB   H N N 298 
THR HG1  H N N 299 
THR HG21 H N N 300 
THR HG22 H N N 301 
THR HG23 H N N 302 
THR HXT  H N N 303 
TRP N    N N N 304 
TRP CA   C N S 305 
TRP C    C N N 306 
TRP O    O N N 307 
TRP CB   C N N 308 
TRP CG   C Y N 309 
TRP CD1  C Y N 310 
TRP CD2  C Y N 311 
TRP NE1  N Y N 312 
TRP CE2  C Y N 313 
TRP CE3  C Y N 314 
TRP CZ2  C Y N 315 
TRP CZ3  C Y N 316 
TRP CH2  C Y N 317 
TRP OXT  O N N 318 
TRP H    H N N 319 
TRP H2   H N N 320 
TRP HA   H N N 321 
TRP HB2  H N N 322 
TRP HB3  H N N 323 
TRP HD1  H N N 324 
TRP HE1  H N N 325 
TRP HE3  H N N 326 
TRP HZ2  H N N 327 
TRP HZ3  H N N 328 
TRP HH2  H N N 329 
TRP HXT  H N N 330 
TYR N    N N N 331 
TYR CA   C N S 332 
TYR C    C N N 333 
TYR O    O N N 334 
TYR CB   C N N 335 
TYR CG   C Y N 336 
TYR CD1  C Y N 337 
TYR CD2  C Y N 338 
TYR CE1  C Y N 339 
TYR CE2  C Y N 340 
TYR CZ   C Y N 341 
TYR OH   O N N 342 
TYR OXT  O N N 343 
TYR H    H N N 344 
TYR H2   H N N 345 
TYR HA   H N N 346 
TYR HB2  H N N 347 
TYR HB3  H N N 348 
TYR HD1  H N N 349 
TYR HD2  H N N 350 
TYR HE1  H N N 351 
TYR HE2  H N N 352 
TYR HH   H N N 353 
TYR HXT  H N N 354 
VAL N    N N N 355 
VAL CA   C N S 356 
VAL C    C N N 357 
VAL O    O N N 358 
VAL CB   C N N 359 
VAL CG1  C N N 360 
VAL CG2  C N N 361 
VAL OXT  O N N 362 
VAL H    H N N 363 
VAL H2   H N N 364 
VAL HA   H N N 365 
VAL HB   H N N 366 
VAL HG11 H N N 367 
VAL HG12 H N N 368 
VAL HG13 H N N 369 
VAL HG21 H N N 370 
VAL HG22 H N N 371 
VAL HG23 H N N 372 
VAL HXT  H N N 373 
# 
loop_
_chem_comp_bond.comp_id 
_chem_comp_bond.atom_id_1 
_chem_comp_bond.atom_id_2 
_chem_comp_bond.value_order 
_chem_comp_bond.pdbx_aromatic_flag 
_chem_comp_bond.pdbx_stereo_config 
_chem_comp_bond.pdbx_ordinal 
ALA N   CA   sing N N 1   
ALA N   H    sing N N 2   
ALA N   H2   sing N N 3   
ALA CA  C    sing N N 4   
ALA CA  CB   sing N N 5   
ALA CA  HA   sing N N 6   
ALA C   O    doub N N 7   
ALA C   OXT  sing N N 8   
ALA CB  HB1  sing N N 9   
ALA CB  HB2  sing N N 10  
ALA CB  HB3  sing N N 11  
ALA OXT HXT  sing N N 12  
ARG N   CA   sing N N 13  
ARG N   H    sing N N 14  
ARG N   H2   sing N N 15  
ARG CA  C    sing N N 16  
ARG CA  CB   sing N N 17  
ARG CA  HA   sing N N 18  
ARG C   O    doub N N 19  
ARG C   OXT  sing N N 20  
ARG CB  CG   sing N N 21  
ARG CB  HB2  sing N N 22  
ARG CB  HB3  sing N N 23  
ARG CG  CD   sing N N 24  
ARG CG  HG2  sing N N 25  
ARG CG  HG3  sing N N 26  
ARG CD  NE   sing N N 27  
ARG CD  HD2  sing N N 28  
ARG CD  HD3  sing N N 29  
ARG NE  CZ   sing N N 30  
ARG NE  HE   sing N N 31  
ARG CZ  NH1  sing N N 32  
ARG CZ  NH2  doub N N 33  
ARG NH1 HH11 sing N N 34  
ARG NH1 HH12 sing N N 35  
ARG NH2 HH21 sing N N 36  
ARG NH2 HH22 sing N N 37  
ARG OXT HXT  sing N N 38  
ASN N   CA   sing N N 39  
ASN N   H    sing N N 40  
ASN N   H2   sing N N 41  
ASN CA  C    sing N N 42  
ASN CA  CB   sing N N 43  
ASN CA  HA   sing N N 44  
ASN C   O    doub N N 45  
ASN C   OXT  sing N N 46  
ASN CB  CG   sing N N 47  
ASN CB  HB2  sing N N 48  
ASN CB  HB3  sing N N 49  
ASN CG  OD1  doub N N 50  
ASN CG  ND2  sing N N 51  
ASN ND2 HD21 sing N N 52  
ASN ND2 HD22 sing N N 53  
ASN OXT HXT  sing N N 54  
ASP N   CA   sing N N 55  
ASP N   H    sing N N 56  
ASP N   H2   sing N N 57  
ASP CA  C    sing N N 58  
ASP CA  CB   sing N N 59  
ASP CA  HA   sing N N 60  
ASP C   O    doub N N 61  
ASP C   OXT  sing N N 62  
ASP CB  CG   sing N N 63  
ASP CB  HB2  sing N N 64  
ASP CB  HB3  sing N N 65  
ASP CG  OD1  doub N N 66  
ASP CG  OD2  sing N N 67  
ASP OD2 HD2  sing N N 68  
ASP OXT HXT  sing N N 69  
GLN N   CA   sing N N 70  
GLN N   H    sing N N 71  
GLN N   H2   sing N N 72  
GLN CA  C    sing N N 73  
GLN CA  CB   sing N N 74  
GLN CA  HA   sing N N 75  
GLN C   O    doub N N 76  
GLN C   OXT  sing N N 77  
GLN CB  CG   sing N N 78  
GLN CB  HB2  sing N N 79  
GLN CB  HB3  sing N N 80  
GLN CG  CD   sing N N 81  
GLN CG  HG2  sing N N 82  
GLN CG  HG3  sing N N 83  
GLN CD  OE1  doub N N 84  
GLN CD  NE2  sing N N 85  
GLN NE2 HE21 sing N N 86  
GLN NE2 HE22 sing N N 87  
GLN OXT HXT  sing N N 88  
GLU N   CA   sing N N 89  
GLU N   H    sing N N 90  
GLU N   H2   sing N N 91  
GLU CA  C    sing N N 92  
GLU CA  CB   sing N N 93  
GLU CA  HA   sing N N 94  
GLU C   O    doub N N 95  
GLU C   OXT  sing N N 96  
GLU CB  CG   sing N N 97  
GLU CB  HB2  sing N N 98  
GLU CB  HB3  sing N N 99  
GLU CG  CD   sing N N 100 
GLU CG  HG2  sing N N 101 
GLU CG  HG3  sing N N 102 
GLU CD  OE1  doub N N 103 
GLU CD  OE2  sing N N 104 
GLU OE2 HE2  sing N N 105 
GLU OXT HXT  sing N N 106 
GLY N   CA   sing N N 107 
GLY N   H    sing N N 108 
GLY N   H2   sing N N 109 
GLY CA  C    sing N N 110 
GLY CA  HA2  sing N N 111 
GLY CA  HA3  sing N N 112 
GLY C   O    doub N N 113 
GLY C   OXT  sing N N 114 
GLY OXT HXT  sing N N 115 
HIS N   CA   sing N N 116 
HIS N   H    sing N N 117 
HIS N   H2   sing N N 118 
HIS CA  C    sing N N 119 
HIS CA  CB   sing N N 120 
HIS CA  HA   sing N N 121 
HIS C   O    doub N N 122 
HIS C   OXT  sing N N 123 
HIS CB  CG   sing N N 124 
HIS CB  HB2  sing N N 125 
HIS CB  HB3  sing N N 126 
HIS CG  ND1  sing Y N 127 
HIS CG  CD2  doub Y N 128 
HIS ND1 CE1  doub Y N 129 
HIS ND1 HD1  sing N N 130 
HIS CD2 NE2  sing Y N 131 
HIS CD2 HD2  sing N N 132 
HIS CE1 NE2  sing Y N 133 
HIS CE1 HE1  sing N N 134 
HIS NE2 HE2  sing N N 135 
HIS OXT HXT  sing N N 136 
ILE N   CA   sing N N 137 
ILE N   H    sing N N 138 
ILE N   H2   sing N N 139 
ILE CA  C    sing N N 140 
ILE CA  CB   sing N N 141 
ILE CA  HA   sing N N 142 
ILE C   O    doub N N 143 
ILE C   OXT  sing N N 144 
ILE CB  CG1  sing N N 145 
ILE CB  CG2  sing N N 146 
ILE CB  HB   sing N N 147 
ILE CG1 CD1  sing N N 148 
ILE CG1 HG12 sing N N 149 
ILE CG1 HG13 sing N N 150 
ILE CG2 HG21 sing N N 151 
ILE CG2 HG22 sing N N 152 
ILE CG2 HG23 sing N N 153 
ILE CD1 HD11 sing N N 154 
ILE CD1 HD12 sing N N 155 
ILE CD1 HD13 sing N N 156 
ILE OXT HXT  sing N N 157 
LEU N   CA   sing N N 158 
LEU N   H    sing N N 159 
LEU N   H2   sing N N 160 
LEU CA  C    sing N N 161 
LEU CA  CB   sing N N 162 
LEU CA  HA   sing N N 163 
LEU C   O    doub N N 164 
LEU C   OXT  sing N N 165 
LEU CB  CG   sing N N 166 
LEU CB  HB2  sing N N 167 
LEU CB  HB3  sing N N 168 
LEU CG  CD1  sing N N 169 
LEU CG  CD2  sing N N 170 
LEU CG  HG   sing N N 171 
LEU CD1 HD11 sing N N 172 
LEU CD1 HD12 sing N N 173 
LEU CD1 HD13 sing N N 174 
LEU CD2 HD21 sing N N 175 
LEU CD2 HD22 sing N N 176 
LEU CD2 HD23 sing N N 177 
LEU OXT HXT  sing N N 178 
LYS N   CA   sing N N 179 
LYS N   H    sing N N 180 
LYS N   H2   sing N N 181 
LYS CA  C    sing N N 182 
LYS CA  CB   sing N N 183 
LYS CA  HA   sing N N 184 
LYS C   O    doub N N 185 
LYS C   OXT  sing N N 186 
LYS CB  CG   sing N N 187 
LYS CB  HB2  sing N N 188 
LYS CB  HB3  sing N N 189 
LYS CG  CD   sing N N 190 
LYS CG  HG2  sing N N 191 
LYS CG  HG3  sing N N 192 
LYS CD  CE   sing N N 193 
LYS CD  HD2  sing N N 194 
LYS CD  HD3  sing N N 195 
LYS CE  NZ   sing N N 196 
LYS CE  HE2  sing N N 197 
LYS CE  HE3  sing N N 198 
LYS NZ  HZ1  sing N N 199 
LYS NZ  HZ2  sing N N 200 
LYS NZ  HZ3  sing N N 201 
LYS OXT HXT  sing N N 202 
MET N   CA   sing N N 203 
MET N   H    sing N N 204 
MET N   H2   sing N N 205 
MET CA  C    sing N N 206 
MET CA  CB   sing N N 207 
MET CA  HA   sing N N 208 
MET C   O    doub N N 209 
MET C   OXT  sing N N 210 
MET CB  CG   sing N N 211 
MET CB  HB2  sing N N 212 
MET CB  HB3  sing N N 213 
MET CG  SD   sing N N 214 
MET CG  HG2  sing N N 215 
MET CG  HG3  sing N N 216 
MET SD  CE   sing N N 217 
MET CE  HE1  sing N N 218 
MET CE  HE2  sing N N 219 
MET CE  HE3  sing N N 220 
MET OXT HXT  sing N N 221 
PHE N   CA   sing N N 222 
PHE N   H    sing N N 223 
PHE N   H2   sing N N 224 
PHE CA  C    sing N N 225 
PHE CA  CB   sing N N 226 
PHE CA  HA   sing N N 227 
PHE C   O    doub N N 228 
PHE C   OXT  sing N N 229 
PHE CB  CG   sing N N 230 
PHE CB  HB2  sing N N 231 
PHE CB  HB3  sing N N 232 
PHE CG  CD1  doub Y N 233 
PHE CG  CD2  sing Y N 234 
PHE CD1 CE1  sing Y N 235 
PHE CD1 HD1  sing N N 236 
PHE CD2 CE2  doub Y N 237 
PHE CD2 HD2  sing N N 238 
PHE CE1 CZ   doub Y N 239 
PHE CE1 HE1  sing N N 240 
PHE CE2 CZ   sing Y N 241 
PHE CE2 HE2  sing N N 242 
PHE CZ  HZ   sing N N 243 
PHE OXT HXT  sing N N 244 
PRO N   CA   sing N N 245 
PRO N   CD   sing N N 246 
PRO N   H    sing N N 247 
PRO CA  C    sing N N 248 
PRO CA  CB   sing N N 249 
PRO CA  HA   sing N N 250 
PRO C   O    doub N N 251 
PRO C   OXT  sing N N 252 
PRO CB  CG   sing N N 253 
PRO CB  HB2  sing N N 254 
PRO CB  HB3  sing N N 255 
PRO CG  CD   sing N N 256 
PRO CG  HG2  sing N N 257 
PRO CG  HG3  sing N N 258 
PRO CD  HD2  sing N N 259 
PRO CD  HD3  sing N N 260 
PRO OXT HXT  sing N N 261 
SER N   CA   sing N N 262 
SER N   H    sing N N 263 
SER N   H2   sing N N 264 
SER CA  C    sing N N 265 
SER CA  CB   sing N N 266 
SER CA  HA   sing N N 267 
SER C   O    doub N N 268 
SER C   OXT  sing N N 269 
SER CB  OG   sing N N 270 
SER CB  HB2  sing N N 271 
SER CB  HB3  sing N N 272 
SER OG  HG   sing N N 273 
SER OXT HXT  sing N N 274 
THR N   CA   sing N N 275 
THR N   H    sing N N 276 
THR N   H2   sing N N 277 
THR CA  C    sing N N 278 
THR CA  CB   sing N N 279 
THR CA  HA   sing N N 280 
THR C   O    doub N N 281 
THR C   OXT  sing N N 282 
THR CB  OG1  sing N N 283 
THR CB  CG2  sing N N 284 
THR CB  HB   sing N N 285 
THR OG1 HG1  sing N N 286 
THR CG2 HG21 sing N N 287 
THR CG2 HG22 sing N N 288 
THR CG2 HG23 sing N N 289 
THR OXT HXT  sing N N 290 
TRP N   CA   sing N N 291 
TRP N   H    sing N N 292 
TRP N   H2   sing N N 293 
TRP CA  C    sing N N 294 
TRP CA  CB   sing N N 295 
TRP CA  HA   sing N N 296 
TRP C   O    doub N N 297 
TRP C   OXT  sing N N 298 
TRP CB  CG   sing N N 299 
TRP CB  HB2  sing N N 300 
TRP CB  HB3  sing N N 301 
TRP CG  CD1  doub Y N 302 
TRP CG  CD2  sing Y N 303 
TRP CD1 NE1  sing Y N 304 
TRP CD1 HD1  sing N N 305 
TRP CD2 CE2  doub Y N 306 
TRP CD2 CE3  sing Y N 307 
TRP NE1 CE2  sing Y N 308 
TRP NE1 HE1  sing N N 309 
TRP CE2 CZ2  sing Y N 310 
TRP CE3 CZ3  doub Y N 311 
TRP CE3 HE3  sing N N 312 
TRP CZ2 CH2  doub Y N 313 
TRP CZ2 HZ2  sing N N 314 
TRP CZ3 CH2  sing Y N 315 
TRP CZ3 HZ3  sing N N 316 
TRP CH2 HH2  sing N N 317 
TRP OXT HXT  sing N N 318 
TYR N   CA   sing N N 319 
TYR N   H    sing N N 320 
TYR N   H2   sing N N 321 
TYR CA  C    sing N N 322 
TYR CA  CB   sing N N 323 
TYR CA  HA   sing N N 324 
TYR C   O    doub N N 325 
TYR C   OXT  sing N N 326 
TYR CB  CG   sing N N 327 
TYR CB  HB2  sing N N 328 
TYR CB  HB3  sing N N 329 
TYR CG  CD1  doub Y N 330 
TYR CG  CD2  sing Y N 331 
TYR CD1 CE1  sing Y N 332 
TYR CD1 HD1  sing N N 333 
TYR CD2 CE2  doub Y N 334 
TYR CD2 HD2  sing N N 335 
TYR CE1 CZ   doub Y N 336 
TYR CE1 HE1  sing N N 337 
TYR CE2 CZ   sing Y N 338 
TYR CE2 HE2  sing N N 339 
TYR CZ  OH   sing N N 340 
TYR OH  HH   sing N N 341 
TYR OXT HXT  sing N N 342 
VAL N   CA   sing N N 343 
VAL N   H    sing N N 344 
VAL N   H2   sing N N 345 
VAL CA  C    sing N N 346 
VAL CA  CB   sing N N 347 
VAL CA  HA   sing N N 348 
VAL C   O    doub N N 349 
VAL C   OXT  sing N N 350 
VAL CB  CG1  sing N N 351 
VAL CB  CG2  sing N N 352 
VAL CB  HB   sing N N 353 
VAL CG1 HG11 sing N N 354 
VAL CG1 HG12 sing N N 355 
VAL CG1 HG13 sing N N 356 
VAL CG2 HG21 sing N N 357 
VAL CG2 HG22 sing N N 358 
VAL CG2 HG23 sing N N 359 
VAL OXT HXT  sing N N 360 
# 
_pdbx_coordinate_model.asym_id   A 
_pdbx_coordinate_model.type      'CA ATOMS ONLY' 
# 
_atom_sites.entry_id                    2RIG 
_atom_sites.fract_transf_matrix[1][1]   0.01297740 
_atom_sites.fract_transf_matrix[1][2]   -0.01485776 
_atom_sites.fract_transf_matrix[1][3]   -0.00333751 
_atom_sites.fract_transf_matrix[2][1]   -0.00387718 
_atom_sites.fract_transf_matrix[2][2]   -0.01370079 
_atom_sites.fract_transf_matrix[2][3]   -0.01405617 
_atom_sites.fract_transf_matrix[3][1]   0.00265839 
_atom_sites.fract_transf_matrix[3][2]   0.00318376 
_atom_sites.fract_transf_matrix[3][3]   -0.00383655 
_atom_sites.fract_transf_vector[1]      0.395488 
_atom_sites.fract_transf_vector[2]      0.678456 
_atom_sites.fract_transf_vector[3]      0.037667 
# 
_atom_type.symbol   C 
# 
loop_
_atom_site.group_PDB 
_atom_site.id 
_atom_site.type_symbol 
_atom_site.label_atom_id 
_atom_site.label_alt_id 
_atom_site.label_comp_id 
_atom_site.label_asym_id 
_atom_site.label_entity_id 
_atom_site.label_seq_id 
_atom_site.pdbx_PDB_ins_code 
_atom_site.Cartn_x 
_atom_site.Cartn_y 
_atom_site.Cartn_z 
_atom_site.occupancy 
_atom_site.B_iso_or_equiv 
_atom_site.pdbx_formal_charge 
_atom_site.auth_seq_id 
_atom_site.auth_comp_id 
_atom_site.auth_asym_id 
_atom_site.auth_atom_id 
_atom_site.pdbx_PDB_model_num 
ATOM 1   C CA . GLN A 1 1   ? 2.617   -19.950 2.762   1.00 11.74 ? 1   GLN A CA 1 
ATOM 2   C CA . ASP A 1 2   ? 0.024   -17.429 3.867   1.00 13.96 ? 2   ASP A CA 1 
ATOM 3   C CA . THR A 1 3   ? 0.479   -18.860 7.388   1.00 16.78 ? 3   THR A CA 1 
ATOM 4   C CA . LEU A 1 4   ? 1.485   -15.943 9.694   1.00 17.48 ? 4   LEU A CA 1 
ATOM 5   C CA . THR A 1 5   ? -2.176  -15.286 8.931   1.00 19.08 ? 5   THR A CA 1 
ATOM 6   C CA . ARG A 1 6   ? -3.757  -15.307 12.420  1.00 20.87 ? 6   ARG A CA 1 
ATOM 7   C CA . GLU A 1 7   ? -4.670  -11.718 13.406  1.00 21.84 ? 7   GLU A CA 1 
ATOM 8   C CA . THR A 1 8   ? -5.489  -10.032 10.080  1.00 19.46 ? 8   THR A CA 1 
ATOM 9   C CA . GLU A 1 9   ? -8.873  -11.602 9.073   1.00 16.75 ? 9   GLU A CA 1 
ATOM 10  C CA . HIS A 1 10  ? -10.245 -10.551 12.472  1.00 15.72 ? 10  HIS A CA 1 
ATOM 11  C CA . LEU A 1 11  ? -8.848  -7.152  11.555  1.00 15.30 ? 11  LEU A CA 1 
ATOM 12  C CA . LYS A 1 12  ? -10.033 -7.619  7.942   1.00 12.51 ? 12  LYS A CA 1 
ATOM 13  C CA . ALA A 1 13  ? -13.615 -8.400  8.967   1.00 10.71 ? 13  ALA A CA 1 
ATOM 14  C CA . TYR A 1 14  ? -13.564 -5.412  11.326  1.00 7.55  ? 14  TYR A CA 1 
ATOM 15  C CA . LEU A 1 15  ? -13.044 -3.050  8.392   1.00 6.09  ? 15  LEU A CA 1 
ATOM 16  C CA . LYS A 1 16  ? -16.100 -4.334  6.515   1.00 5.97  ? 16  LYS A CA 1 
ATOM 17  C CA . ALA A 1 17  ? -17.993 -4.466  9.826   1.00 12.88 ? 17  ALA A CA 1 
ATOM 18  C CA . ASN A 1 18  ? -18.849 -0.732  10.136  1.00 18.02 ? 18  ASN A CA 1 
ATOM 19  C CA . THR A 1 19  ? -19.560 0.334   6.555   1.00 20.50 ? 19  THR A CA 1 
ATOM 20  C CA . SER A 1 20  ? -20.442 -1.610  3.415   1.00 20.28 ? 20  SER A CA 1 
ATOM 21  C CA . ASP A 1 21  ? -19.075 -5.040  4.366   1.00 19.01 ? 21  ASP A CA 1 
ATOM 22  C CA . VAL A 1 22  ? -19.725 -5.994  0.771   1.00 15.74 ? 22  VAL A CA 1 
ATOM 23  C CA . ALA A 1 23  ? -18.190 -3.582  -1.759  1.00 13.09 ? 23  ALA A CA 1 
ATOM 24  C CA . ASN A 1 24  ? -19.311 -4.069  -5.371  1.00 12.49 ? 24  ASN A CA 1 
ATOM 25  C CA . GLY A 1 25  ? -18.477 -1.280  -7.811  1.00 11.38 ? 25  GLY A CA 1 
ATOM 26  C CA . GLY A 1 26  ? -15.558 -3.039  -9.497  1.00 10.99 ? 26  GLY A CA 1 
ATOM 27  C CA . PRO A 1 27  ? -12.660 -5.459  -8.870  1.00 10.74 ? 27  PRO A CA 1 
ATOM 28  C CA . LEU A 1 28  ? -10.107 -2.601  -8.703  1.00 9.84  ? 28  LEU A CA 1 
ATOM 29  C CA . PHE A 1 29  ? -7.161  -4.279  -6.877  1.00 9.62  ? 29  PHE A CA 1 
ATOM 30  C CA . LEU A 1 30  ? -7.997  -7.929  -7.375  1.00 12.75 ? 30  LEU A CA 1 
ATOM 31  C CA . ASN A 1 31  ? -8.560  -7.817  -11.123 1.00 14.23 ? 31  ASN A CA 1 
ATOM 32  C CA . ILE A 1 32  ? -5.125  -6.364  -11.903 1.00 11.97 ? 32  ILE A CA 1 
ATOM 33  C CA . LEU A 1 33  ? -2.768  -8.802  -10.096 1.00 15.29 ? 33  LEU A CA 1 
ATOM 34  C CA . ARG A 1 34  ? -4.502  -12.183 -10.575 1.00 18.21 ? 34  ARG A CA 1 
ATOM 35  C CA . ASN A 1 35  ? -2.124  -14.392 -12.721 1.00 22.29 ? 35  ASN A CA 1 
ATOM 36  C CA . TRP A 1 36  ? 1.098   -12.283 -12.633 1.00 23.51 ? 36  TRP A CA 1 
ATOM 37  C CA . LYS A 1 37  ? 3.154   -15.153 -11.134 1.00 26.47 ? 37  LYS A CA 1 
ATOM 38  C CA . GLU A 1 38  ? 5.074   -14.973 -14.463 1.00 26.27 ? 38  GLU A CA 1 
ATOM 39  C CA . GLU A 1 39  ? 6.363   -11.354 -14.567 1.00 22.85 ? 39  GLU A CA 1 
ATOM 40  C CA . SER A 1 40  ? 9.746   -10.338 -12.948 1.00 21.30 ? 40  SER A CA 1 
ATOM 41  C CA . ASP A 1 41  ? 8.484   -6.734  -12.635 1.00 19.25 ? 41  ASP A CA 1 
ATOM 42  C CA . ASN A 1 42  ? 5.519   -7.285  -10.233 1.00 15.91 ? 42  ASN A CA 1 
ATOM 43  C CA . LYS A 1 43  ? 6.601   -4.404  -7.954  1.00 12.81 ? 43  LYS A CA 1 
ATOM 44  C CA . ILE A 1 44  ? 4.990   -1.666  -10.093 1.00 9.31  ? 44  ILE A CA 1 
ATOM 45  C CA . ILE A 1 45  ? 1.401   -2.801  -9.574  1.00 8.86  ? 45  ILE A CA 1 
ATOM 46  C CA . GLN A 1 46  ? 2.160   -3.980  -6.052  1.00 9.68  ? 46  GLN A CA 1 
ATOM 47  C CA . SER A 1 47  ? 3.593   -0.666  -4.845  1.00 8.39  ? 47  SER A CA 1 
ATOM 48  C CA . GLN A 1 48  ? 0.931   1.565   -6.407  1.00 8.28  ? 48  GLN A CA 1 
ATOM 49  C CA . ILE A 1 49  ? -1.504  -0.827  -4.746  1.00 6.24  ? 49  ILE A CA 1 
ATOM 50  C CA . VAL A 1 50  ? 0.248   -0.466  -1.377  1.00 4.59  ? 50  VAL A CA 1 
ATOM 51  C CA . SER A 1 51  ? 0.275   3.267   -2.156  1.00 3.90  ? 51  SER A CA 1 
ATOM 52  C CA . PHE A 1 52  ? -3.534  3.297   -2.181  1.00 4.17  ? 52  PHE A CA 1 
ATOM 53  C CA . TYR A 1 53  ? -4.182  1.340   1.052   1.00 4.65  ? 53  TYR A CA 1 
ATOM 54  C CA . PHE A 1 54  ? -1.699  3.740   2.647   1.00 7.16  ? 54  PHE A CA 1 
ATOM 55  C CA . LYS A 1 55  ? -3.967  6.642   1.627   1.00 8.31  ? 55  LYS A CA 1 
ATOM 56  C CA . LEU A 1 56  ? -7.115  5.169   3.191   1.00 4.68  ? 56  LEU A CA 1 
ATOM 57  C CA . PHE A 1 57  ? -5.424  4.605   6.509   1.00 4.16  ? 57  PHE A CA 1 
ATOM 58  C CA . ASP A 1 58  ? -4.739  8.301   7.279   1.00 7.86  ? 58  ASP A CA 1 
ATOM 59  C CA . ASN A 1 59  ? -7.976  9.390   5.575   1.00 11.73 ? 59  ASN A CA 1 
ATOM 60  C CA . LEU A 1 60  ? -9.603  6.888   7.939   1.00 12.87 ? 60  LEU A CA 1 
ATOM 61  C CA . LYS A 1 61  ? -8.558  8.424   11.323  1.00 12.27 ? 61  LYS A CA 1 
ATOM 62  C CA . ASP A 1 62  ? -11.878 6.919   12.610  1.00 13.14 ? 62  ASP A CA 1 
ATOM 63  C CA . HIS A 1 63  ? -10.638 5.873   16.105  1.00 16.96 ? 63  HIS A CA 1 
ATOM 64  C CA . GLU A 1 64  ? -12.698 3.504   18.280  1.00 19.08 ? 64  GLU A CA 1 
ATOM 65  C CA . VAL A 1 65  ? -13.708 1.506   15.215  1.00 17.03 ? 65  VAL A CA 1 
ATOM 66  C CA . ILE A 1 66  ? -10.465 1.195   13.231  1.00 13.30 ? 66  ILE A CA 1 
ATOM 67  C CA . LYS A 1 67  ? -7.229  2.736   14.608  1.00 11.40 ? 67  LYS A CA 1 
ATOM 68  C CA . LYS A 1 68  ? -5.979  -0.536  16.184  1.00 11.49 ? 68  LYS A CA 1 
ATOM 69  C CA . SER A 1 69  ? -6.973  -2.751  13.239  1.00 11.16 ? 69  SER A CA 1 
ATOM 70  C CA . MET A 1 70  ? -5.263  -0.537  10.667  1.00 11.28 ? 70  MET A CA 1 
ATOM 71  C CA . GLU A 1 71  ? -2.228  -0.287  12.899  1.00 11.66 ? 71  GLU A CA 1 
ATOM 72  C CA . SER A 1 72  ? -2.126  -4.041  12.285  1.00 11.89 ? 72  SER A CA 1 
ATOM 73  C CA . ILE A 1 73  ? -2.292  -4.207  8.476   1.00 12.17 ? 73  ILE A CA 1 
ATOM 74  C CA . LYS A 1 74  ? 0.476   -1.617  8.466   1.00 10.69 ? 74  LYS A CA 1 
ATOM 75  C CA . GLU A 1 75  ? 2.681   -4.117  10.351  1.00 10.18 ? 75  GLU A CA 1 
ATOM 76  C CA . ASP A 1 76  ? 2.165   -7.107  8.008   1.00 6.39  ? 76  ASP A CA 1 
ATOM 77  C CA . ILE A 1 77  ? 2.731   -5.165  4.732   1.00 5.65  ? 77  ILE A CA 1 
ATOM 78  C CA . PHE A 1 78  ? 6.010   -4.084  6.332   1.00 4.17  ? 78  PHE A CA 1 
ATOM 79  C CA . VAL A 1 79  ? 7.044   -7.762  6.820   1.00 7.01  ? 79  VAL A CA 1 
ATOM 80  C CA . LYS A 1 80  ? 5.755   -8.069  3.266   1.00 11.36 ? 80  LYS A CA 1 
ATOM 81  C CA . PHE A 1 81  ? 7.872   -5.399  1.485   1.00 14.45 ? 81  PHE A CA 1 
ATOM 82  C CA . PHE A 1 82  ? 11.009  -6.792  3.183   1.00 17.83 ? 82  PHE A CA 1 
ATOM 83  C CA . ASN A 1 83  ? 11.478  -6.244  6.943   1.00 18.19 ? 83  ASN A CA 1 
ATOM 84  C CA . SER A 1 84  ? 14.761  -4.789  5.981   1.00 16.67 ? 84  SER A CA 1 
ATOM 85  C CA . ASN A 1 85  ? 14.523  -1.305  7.399   1.00 14.19 ? 85  ASN A CA 1 
ATOM 86  C CA . LEU A 1 86  ? 12.041  1.375   8.376   1.00 13.42 ? 86  LEU A CA 1 
ATOM 87  C CA . THR A 1 87  ? 13.528  3.818   5.942   1.00 14.17 ? 87  THR A CA 1 
ATOM 88  C CA . LYS A 1 88  ? 12.029  2.192   2.850   1.00 11.54 ? 88  LYS A CA 1 
ATOM 89  C CA . MET A 1 89  ? 8.704   2.672   4.603   1.00 10.34 ? 89  MET A CA 1 
ATOM 90  C CA . ASP A 1 90  ? 9.841   6.137   5.652   1.00 9.83  ? 90  ASP A CA 1 
ATOM 91  C CA . ASP A 1 91  ? 10.624  6.842   1.996   1.00 7.51  ? 91  ASP A CA 1 
ATOM 92  C CA . PHE A 1 92  ? 7.325   5.335   0.890   1.00 7.76  ? 92  PHE A CA 1 
ATOM 93  C CA . GLN A 1 93  ? 5.042   7.193   3.309   1.00 7.42  ? 93  GLN A CA 1 
ATOM 94  C CA . ASN A 1 94  ? 6.892   10.436  2.469   1.00 9.01  ? 94  ASN A CA 1 
ATOM 95  C CA . LEU A 1 95  ? 6.446   10.107  -1.275  1.00 13.61 ? 95  LEU A CA 1 
ATOM 96  C CA . THR A 1 96  ? 2.917   8.756   -1.494  1.00 17.04 ? 96  THR A CA 1 
ATOM 97  C CA . ARG A 1 97  ? 0.187   11.436  -1.267  1.00 18.97 ? 97  ARG A CA 1 
ATOM 98  C CA . ILE A 1 98  ? 1.363   15.102  -1.723  1.00 21.01 ? 98  ILE A CA 1 
ATOM 99  C CA . SER A 1 99  ? 1.501   17.226  -5.172  1.00 21.29 ? 99  SER A CA 1 
ATOM 100 C CA . VAL A 1 100 ? 0.501   20.824  -5.965  1.00 22.76 ? 100 VAL A CA 1 
ATOM 101 C CA . ASP A 1 101 ? 2.701   23.906  -5.360  1.00 23.76 ? 101 ASP A CA 1 
ATOM 102 C CA . ASP A 1 102 ? 6.236   24.835  -4.780  1.00 21.55 ? 102 ASP A CA 1 
ATOM 103 C CA . ARG A 1 103 ? 6.342   21.116  -5.386  1.00 16.51 ? 103 ARG A CA 1 
ATOM 104 C CA . LEU A 1 104 ? 5.842   20.882  -9.195  1.00 14.28 ? 104 LEU A CA 1 
ATOM 105 C CA . VAL A 1 105 ? 9.615   20.338  -9.648  1.00 14.64 ? 105 VAL A CA 1 
ATOM 106 C CA . GLN A 1 106 ? 10.342  20.306  -13.379 1.00 14.05 ? 106 GLN A CA 1 
ATOM 107 C CA . ARG A 1 107 ? 13.933  20.736  -12.258 1.00 13.21 ? 107 ARG A CA 1 
ATOM 108 C CA . LYS A 1 108 ? 14.652  17.056  -11.415 1.00 11.31 ? 108 LYS A CA 1 
ATOM 109 C CA . ALA A 1 109 ? 12.997  15.092  -14.272 1.00 11.12 ? 109 ALA A CA 1 
ATOM 110 C CA . VAL A 1 110 ? 16.357  15.036  -16.119 1.00 14.17 ? 110 VAL A CA 1 
ATOM 111 C CA . SER A 1 111 ? 17.709  12.384  -13.672 1.00 15.92 ? 111 SER A CA 1 
ATOM 112 C CA . GLU A 1 112 ? 15.868  9.636   -15.633 1.00 18.09 ? 112 GLU A CA 1 
ATOM 113 C CA . LEU A 1 113 ? 18.988  7.462   -16.111 1.00 21.03 ? 113 LEU A CA 1 
ATOM 114 C CA . SER A 1 114 ? 18.107  5.873   -12.734 1.00 23.58 ? 114 SER A CA 1 
ATOM 115 C CA . ASN A 1 115 ? 14.954  4.097   -14.040 1.00 24.77 ? 115 ASN A CA 1 
ATOM 116 C CA . VAL A 1 116 ? 16.841  1.821   -16.503 1.00 29.41 ? 116 VAL A CA 1 
ATOM 117 C CA . LEU A 1 117 ? 19.555  0.853   -13.962 1.00 31.49 ? 117 LEU A CA 1 
ATOM 118 C CA . ASN A 1 118 ? 17.570  -1.849  -12.036 1.00 31.62 ? 118 ASN A CA 1 
ATOM 119 C CA . PHE A 1 119 ? 20.076  -3.702  -9.773  1.00 34.56 ? 119 PHE A CA 1 
# 
